data_4ZJP
#
_entry.id   4ZJP
#
_cell.length_a   36.261
_cell.length_b   37.416
_cell.length_c   48.165
_cell.angle_alpha   95.200
_cell.angle_beta   101.030
_cell.angle_gamma   97.090
#
_symmetry.space_group_name_H-M   'P 1'
#
loop_
_entity.id
_entity.type
_entity.pdbx_description
1 polymer 'Monosaccharide-transporting ATPase'
2 non-polymer beta-D-ribopyranose
3 non-polymer 1,2-ETHANEDIOL
4 water water
#
_entity_poly.entity_id   1
_entity_poly.type   'polypeptide(L)'
_entity_poly.pdbx_seq_one_letter_code
;(MSE)HHHHHHSSGVDLGTENLYFQS(MSE)QETIALTVSTLDNPFFVSLKDGAQKKATELGYKLVVLDSQNDPSKELSN
VEDLTVRGAKVLLINPTDSAAVSNAVAIANRNKIPVITLDRGAAKGEVVSHIASDNVAGGK(MSE)AGDFIAQKLGDGAK
VIQLEGLAGTSAARERGEGFKQAIEAHKFDVLASQPADFDRTKGLNVTENLLASKGSVQAIFAQNDE(MSE)ALGALRAI
SAAGKKVLVVGFDGTEDGVKAVKSGKLAATVAQQPELIGSLGVETADKILKGEKVDAKIPVALKVVTE
;
_entity_poly.pdbx_strand_id   A
#
loop_
_chem_comp.id
_chem_comp.type
_chem_comp.name
_chem_comp.formula
EDO non-polymer 1,2-ETHANEDIOL 'C2 H6 O2'
RIP D-saccharide, beta linking beta-D-ribopyranose 'C5 H10 O5'
#
# COMPACT_ATOMS: atom_id res chain seq x y z
N MSE A 23 -7.57 -26.74 -21.58
CA MSE A 23 -8.23 -25.56 -21.03
C MSE A 23 -7.20 -24.68 -20.31
O MSE A 23 -6.55 -25.11 -19.38
CB MSE A 23 -9.34 -25.94 -20.06
CG MSE A 23 -10.75 -25.55 -20.52
SE MSE A 23 -11.44 -23.95 -19.63
CE MSE A 23 -10.68 -22.59 -20.83
N GLN A 24 -7.07 -23.43 -20.77
CA GLN A 24 -6.17 -22.50 -20.13
C GLN A 24 -6.56 -22.32 -18.66
N GLU A 25 -5.57 -22.34 -17.77
CA GLU A 25 -5.82 -22.16 -16.35
C GLU A 25 -5.90 -20.69 -15.97
N THR A 26 -6.75 -20.39 -14.99
N THR A 26 -6.76 -20.40 -14.99
CA THR A 26 -6.97 -19.01 -14.57
CA THR A 26 -6.98 -19.04 -14.53
C THR A 26 -6.43 -18.74 -13.17
C THR A 26 -6.32 -18.80 -13.18
N ILE A 27 -5.74 -17.61 -13.03
CA ILE A 27 -5.30 -17.12 -11.72
C ILE A 27 -6.20 -15.92 -11.44
N ALA A 28 -6.70 -15.82 -10.22
CA ALA A 28 -7.56 -14.72 -9.82
C ALA A 28 -6.76 -13.70 -9.04
N LEU A 29 -7.04 -12.42 -9.29
CA LEU A 29 -6.52 -11.34 -8.48
C LEU A 29 -7.67 -10.50 -7.99
N THR A 30 -7.77 -10.32 -6.67
N THR A 30 -7.79 -10.36 -6.66
CA THR A 30 -8.75 -9.40 -6.12
CA THR A 30 -8.72 -9.39 -6.12
C THR A 30 -8.00 -8.24 -5.49
C THR A 30 -7.87 -8.25 -5.60
N VAL A 31 -8.17 -7.04 -6.06
CA VAL A 31 -7.40 -5.88 -5.65
C VAL A 31 -8.26 -5.01 -4.77
N SER A 32 -7.65 -4.34 -3.79
CA SER A 32 -8.47 -3.58 -2.84
C SER A 32 -9.25 -2.46 -3.56
N THR A 33 -8.60 -1.83 -4.52
CA THR A 33 -9.25 -0.81 -5.33
C THR A 33 -8.47 -0.57 -6.61
N LEU A 34 -9.13 -0.01 -7.62
CA LEU A 34 -8.43 0.41 -8.83
C LEU A 34 -8.51 1.94 -8.98
N ASP A 35 -8.96 2.60 -7.92
CA ASP A 35 -9.09 4.06 -7.87
C ASP A 35 -7.76 4.72 -7.45
N ASN A 36 -6.72 3.89 -7.31
CA ASN A 36 -5.42 4.32 -6.83
C ASN A 36 -4.37 3.82 -7.82
N PRO A 37 -3.55 4.73 -8.38
CA PRO A 37 -2.55 4.36 -9.39
C PRO A 37 -1.66 3.20 -8.96
N PHE A 38 -1.36 3.12 -7.66
CA PHE A 38 -0.52 2.04 -7.14
C PHE A 38 -1.08 0.66 -7.48
N PHE A 39 -2.39 0.52 -7.34
CA PHE A 39 -3.01 -0.79 -7.55
C PHE A 39 -3.25 -1.09 -9.03
N VAL A 40 -3.42 -0.04 -9.83
CA VAL A 40 -3.43 -0.23 -11.27
C VAL A 40 -2.06 -0.82 -11.69
N SER A 41 -0.97 -0.28 -11.16
CA SER A 41 0.36 -0.82 -11.46
C SER A 41 0.53 -2.28 -11.03
N LEU A 42 0.05 -2.60 -9.83
CA LEU A 42 0.12 -3.96 -9.32
C LEU A 42 -0.64 -4.90 -10.26
N LYS A 43 -1.85 -4.50 -10.66
CA LYS A 43 -2.64 -5.28 -11.59
C LYS A 43 -1.89 -5.50 -12.91
N ASP A 44 -1.29 -4.43 -13.43
CA ASP A 44 -0.58 -4.50 -14.71
C ASP A 44 0.60 -5.48 -14.63
N GLY A 45 1.32 -5.45 -13.52
CA GLY A 45 2.45 -6.36 -13.33
C GLY A 45 1.99 -7.80 -13.28
N ALA A 46 0.90 -8.05 -12.56
CA ALA A 46 0.34 -9.40 -12.49
C ALA A 46 -0.14 -9.83 -13.88
N GLN A 47 -0.81 -8.95 -14.60
CA GLN A 47 -1.31 -9.30 -15.93
C GLN A 47 -0.19 -9.69 -16.90
N LYS A 48 0.87 -8.89 -16.95
CA LYS A 48 1.93 -9.18 -17.92
C LYS A 48 2.59 -10.52 -17.58
N LYS A 49 2.78 -10.79 -16.29
CA LYS A 49 3.45 -12.03 -15.91
C LYS A 49 2.54 -13.24 -16.16
N ALA A 50 1.24 -13.07 -15.91
CA ALA A 50 0.27 -14.13 -16.23
C ALA A 50 0.33 -14.51 -17.71
N THR A 51 0.26 -13.51 -18.57
CA THR A 51 0.36 -13.76 -20.00
C THR A 51 1.70 -14.43 -20.35
N GLU A 52 2.78 -13.94 -19.76
CA GLU A 52 4.10 -14.51 -20.02
C GLU A 52 4.17 -16.00 -19.68
N LEU A 53 3.47 -16.40 -18.61
CA LEU A 53 3.55 -17.78 -18.12
C LEU A 53 2.40 -18.66 -18.64
N GLY A 54 1.46 -18.07 -19.36
CA GLY A 54 0.42 -18.84 -20.03
C GLY A 54 -0.91 -18.91 -19.30
N TYR A 55 -1.10 -18.06 -18.29
CA TYR A 55 -2.35 -18.05 -17.52
C TYR A 55 -3.31 -16.97 -17.99
N LYS A 56 -4.61 -17.21 -17.81
CA LYS A 56 -5.61 -16.18 -17.92
C LYS A 56 -5.72 -15.52 -16.55
N LEU A 57 -5.56 -14.19 -16.48
CA LEU A 57 -5.74 -13.48 -15.21
C LEU A 57 -7.14 -12.89 -15.17
N VAL A 58 -7.88 -13.19 -14.10
CA VAL A 58 -9.18 -12.59 -13.88
C VAL A 58 -9.02 -11.60 -12.74
N VAL A 59 -9.29 -10.33 -13.00
CA VAL A 59 -9.07 -9.30 -11.99
C VAL A 59 -10.40 -8.73 -11.53
N LEU A 60 -10.62 -8.74 -10.22
CA LEU A 60 -11.83 -8.19 -9.62
C LEU A 60 -11.46 -7.08 -8.64
N ASP A 61 -12.25 -6.00 -8.71
CA ASP A 61 -12.00 -4.77 -7.96
C ASP A 61 -12.91 -4.73 -6.73
N SER A 62 -12.33 -4.70 -5.54
CA SER A 62 -13.12 -4.71 -4.30
C SER A 62 -13.69 -3.33 -3.95
N GLN A 63 -13.21 -2.30 -4.63
CA GLN A 63 -13.66 -0.91 -4.41
C GLN A 63 -13.63 -0.52 -2.94
N ASN A 64 -12.58 -0.98 -2.24
CA ASN A 64 -12.35 -0.67 -0.83
C ASN A 64 -13.45 -1.17 0.10
N ASP A 65 -14.27 -2.08 -0.42
CA ASP A 65 -15.46 -2.57 0.27
C ASP A 65 -15.29 -4.06 0.61
N PRO A 66 -15.28 -4.41 1.90
CA PRO A 66 -15.06 -5.81 2.30
C PRO A 66 -16.19 -6.73 1.82
N SER A 67 -17.39 -6.19 1.65
CA SER A 67 -18.52 -6.98 1.17
C SER A 67 -18.34 -7.36 -0.29
N LYS A 68 -17.86 -6.40 -1.08
CA LYS A 68 -17.58 -6.65 -2.48
C LYS A 68 -16.41 -7.61 -2.60
N GLU A 69 -15.45 -7.48 -1.70
CA GLU A 69 -14.32 -8.39 -1.71
C GLU A 69 -14.79 -9.83 -1.49
N LEU A 70 -15.71 -10.02 -0.54
CA LEU A 70 -16.24 -11.34 -0.25
C LEU A 70 -16.94 -11.93 -1.47
N SER A 71 -17.80 -11.14 -2.11
CA SER A 71 -18.53 -11.64 -3.28
C SER A 71 -17.58 -11.86 -4.45
N ASN A 72 -16.52 -11.06 -4.51
CA ASN A 72 -15.49 -11.24 -5.53
C ASN A 72 -14.82 -12.60 -5.39
N VAL A 73 -14.42 -12.94 -4.17
CA VAL A 73 -13.78 -14.23 -3.92
C VAL A 73 -14.76 -15.38 -4.20
N GLU A 74 -16.03 -15.23 -3.83
CA GLU A 74 -17.06 -16.20 -4.20
C GLU A 74 -17.08 -16.42 -5.71
N ASP A 75 -17.10 -15.33 -6.45
CA ASP A 75 -17.19 -15.38 -7.91
C ASP A 75 -15.99 -16.09 -8.54
N LEU A 76 -14.79 -15.64 -8.16
N LEU A 76 -14.78 -15.66 -8.17
CA LEU A 76 -13.57 -16.23 -8.71
CA LEU A 76 -13.59 -16.24 -8.77
C LEU A 76 -13.50 -17.72 -8.41
C LEU A 76 -13.49 -17.73 -8.42
N THR A 77 -14.07 -18.09 -7.26
CA THR A 77 -14.13 -19.49 -6.84
C THR A 77 -15.00 -20.35 -7.76
N VAL A 78 -16.21 -19.89 -8.04
CA VAL A 78 -17.11 -20.65 -8.90
C VAL A 78 -16.57 -20.69 -10.32
N ARG A 79 -15.71 -19.71 -10.64
CA ARG A 79 -15.06 -19.63 -11.94
C ARG A 79 -13.89 -20.60 -12.06
N GLY A 80 -13.53 -21.25 -10.96
CA GLY A 80 -12.48 -22.25 -10.98
C GLY A 80 -11.06 -21.70 -11.02
N ALA A 81 -10.86 -20.53 -10.44
CA ALA A 81 -9.52 -19.98 -10.30
C ALA A 81 -8.61 -21.01 -9.61
N LYS A 82 -7.39 -21.20 -10.11
CA LYS A 82 -6.49 -22.20 -9.55
C LYS A 82 -5.72 -21.67 -8.34
N VAL A 83 -5.49 -20.37 -8.34
CA VAL A 83 -4.82 -19.70 -7.23
C VAL A 83 -5.52 -18.37 -7.03
N LEU A 84 -5.63 -17.92 -5.78
CA LEU A 84 -6.16 -16.60 -5.48
C LEU A 84 -5.04 -15.68 -5.01
N LEU A 85 -4.79 -14.62 -5.76
CA LEU A 85 -3.96 -13.51 -5.30
C LEU A 85 -4.87 -12.47 -4.71
N ILE A 86 -4.71 -12.17 -3.42
CA ILE A 86 -5.62 -11.21 -2.81
C ILE A 86 -4.86 -10.06 -2.15
N ASN A 87 -5.30 -8.85 -2.47
CA ASN A 87 -4.86 -7.64 -1.79
C ASN A 87 -5.99 -7.18 -0.87
N PRO A 88 -5.93 -7.56 0.42
CA PRO A 88 -7.07 -7.31 1.33
C PRO A 88 -7.52 -5.85 1.45
N THR A 89 -8.83 -5.63 1.53
CA THR A 89 -9.33 -4.29 1.88
C THR A 89 -9.01 -3.98 3.33
N ASP A 90 -8.85 -5.04 4.12
CA ASP A 90 -8.65 -4.94 5.56
C ASP A 90 -7.98 -6.22 6.04
N SER A 91 -6.80 -6.08 6.63
CA SER A 91 -6.00 -7.25 7.00
C SER A 91 -6.72 -8.10 8.06
N ALA A 92 -7.62 -7.51 8.83
CA ALA A 92 -8.46 -8.31 9.74
C ALA A 92 -9.69 -8.88 9.04
N ALA A 93 -10.50 -7.99 8.46
CA ALA A 93 -11.79 -8.38 7.90
C ALA A 93 -11.67 -9.45 6.82
N VAL A 94 -10.48 -9.60 6.24
CA VAL A 94 -10.34 -10.43 5.05
C VAL A 94 -10.40 -11.92 5.42
N SER A 95 -10.35 -12.23 6.71
CA SER A 95 -10.32 -13.62 7.16
C SER A 95 -11.41 -14.48 6.53
N ASN A 96 -12.63 -13.95 6.50
CA ASN A 96 -13.76 -14.72 5.98
C ASN A 96 -13.61 -14.94 4.48
N ALA A 97 -13.00 -13.99 3.78
CA ALA A 97 -12.78 -14.15 2.34
C ALA A 97 -11.71 -15.22 2.07
N VAL A 98 -10.63 -15.18 2.85
CA VAL A 98 -9.59 -16.20 2.75
C VAL A 98 -10.18 -17.59 3.03
N ALA A 99 -11.09 -17.65 4.01
CA ALA A 99 -11.75 -18.90 4.35
C ALA A 99 -12.52 -19.50 3.18
N ILE A 100 -13.13 -18.67 2.34
CA ILE A 100 -13.82 -19.19 1.16
C ILE A 100 -12.83 -19.96 0.29
N ALA A 101 -11.69 -19.34 -0.02
CA ALA A 101 -10.68 -20.00 -0.84
C ALA A 101 -10.15 -21.24 -0.14
N ASN A 102 -9.91 -21.14 1.18
CA ASN A 102 -9.45 -22.30 1.94
C ASN A 102 -10.42 -23.49 1.79
N ARG A 103 -11.71 -23.24 2.03
CA ARG A 103 -12.69 -24.33 1.99
C ARG A 103 -12.80 -24.94 0.60
N ASN A 104 -12.56 -24.12 -0.42
CA ASN A 104 -12.69 -24.59 -1.79
C ASN A 104 -11.35 -25.03 -2.38
N LYS A 105 -10.35 -25.16 -1.50
CA LYS A 105 -9.06 -25.74 -1.86
C LYS A 105 -8.32 -24.92 -2.90
N ILE A 106 -8.49 -23.61 -2.84
CA ILE A 106 -7.77 -22.70 -3.73
C ILE A 106 -6.65 -22.02 -2.95
N PRO A 107 -5.40 -22.29 -3.33
CA PRO A 107 -4.27 -21.68 -2.61
C PRO A 107 -4.33 -20.15 -2.64
N VAL A 108 -3.96 -19.53 -1.53
CA VAL A 108 -4.02 -18.08 -1.38
C VAL A 108 -2.65 -17.46 -1.21
N ILE A 109 -2.41 -16.40 -1.97
CA ILE A 109 -1.23 -15.55 -1.80
C ILE A 109 -1.71 -14.14 -1.50
N THR A 110 -1.21 -13.53 -0.43
CA THR A 110 -1.59 -12.15 -0.15
C THR A 110 -0.55 -11.24 -0.76
N LEU A 111 -1.02 -10.13 -1.32
CA LEU A 111 -0.15 -9.14 -1.93
C LEU A 111 -0.32 -7.79 -1.26
N ASP A 112 0.81 -7.19 -0.89
CA ASP A 112 0.91 -5.81 -0.38
C ASP A 112 0.35 -5.61 1.02
N ARG A 113 -0.79 -6.22 1.31
CA ARG A 113 -1.35 -6.23 2.65
C ARG A 113 -1.57 -7.67 3.07
N GLY A 114 -1.35 -7.98 4.35
CA GLY A 114 -1.45 -9.34 4.83
C GLY A 114 -2.85 -9.71 5.32
N ALA A 115 -3.05 -10.99 5.59
CA ALA A 115 -4.28 -11.50 6.23
C ALA A 115 -3.94 -11.99 7.63
N ALA A 116 -4.66 -11.47 8.62
CA ALA A 116 -4.39 -11.80 10.01
C ALA A 116 -4.75 -13.25 10.31
N LYS A 117 -5.78 -13.74 9.63
CA LYS A 117 -6.25 -15.10 9.82
C LYS A 117 -6.55 -15.72 8.45
N GLY A 118 -6.60 -17.05 8.43
CA GLY A 118 -6.82 -17.79 7.22
C GLY A 118 -5.53 -18.40 6.74
N GLU A 119 -5.63 -19.49 5.97
CA GLU A 119 -4.44 -20.19 5.49
C GLU A 119 -3.89 -19.53 4.26
N VAL A 120 -2.66 -19.03 4.36
CA VAL A 120 -2.01 -18.32 3.28
C VAL A 120 -0.69 -18.98 2.96
N VAL A 121 -0.40 -19.16 1.68
CA VAL A 121 0.86 -19.81 1.29
C VAL A 121 2.06 -18.86 1.32
N SER A 122 1.85 -17.65 0.85
CA SER A 122 2.93 -16.67 0.77
C SER A 122 2.37 -15.26 0.89
N HIS A 123 3.14 -14.39 1.53
CA HIS A 123 2.82 -12.98 1.61
C HIS A 123 3.93 -12.17 0.93
N ILE A 124 3.54 -11.31 -0.01
CA ILE A 124 4.50 -10.55 -0.82
C ILE A 124 4.24 -9.07 -0.68
N ALA A 125 5.20 -8.33 -0.13
CA ALA A 125 4.96 -6.91 0.15
C ALA A 125 6.28 -6.21 0.38
N SER A 126 6.24 -4.88 0.47
CA SER A 126 7.42 -4.12 0.87
C SER A 126 7.65 -4.29 2.37
N ASP A 127 8.87 -4.02 2.83
CA ASP A 127 9.09 -3.94 4.27
C ASP A 127 8.59 -2.58 4.72
N ASN A 128 7.32 -2.54 5.09
CA ASN A 128 6.68 -1.27 5.35
C ASN A 128 7.11 -0.64 6.66
N VAL A 129 7.66 -1.44 7.57
CA VAL A 129 8.25 -0.88 8.78
C VAL A 129 9.52 -0.10 8.39
N ALA A 130 10.42 -0.75 7.67
CA ALA A 130 11.62 -0.05 7.20
C ALA A 130 11.23 1.21 6.42
N GLY A 131 10.16 1.12 5.62
CA GLY A 131 9.71 2.27 4.84
C GLY A 131 9.31 3.46 5.68
N GLY A 132 8.56 3.18 6.74
CA GLY A 132 8.12 4.22 7.67
C GLY A 132 9.33 4.87 8.35
N LYS A 133 10.32 4.05 8.67
N LYS A 133 10.32 4.04 8.67
CA LYS A 133 11.51 4.58 9.32
CA LYS A 133 11.52 4.55 9.31
C LYS A 133 12.32 5.42 8.33
C LYS A 133 12.33 5.41 8.33
N MSE A 134 12.40 4.98 7.07
CA MSE A 134 13.08 5.76 6.03
C MSE A 134 12.47 7.14 5.86
O MSE A 134 13.18 8.14 5.72
CB MSE A 134 13.04 5.04 4.68
CG MSE A 134 13.87 3.81 4.63
SE MSE A 134 13.46 2.86 2.94
CE MSE A 134 14.02 1.08 3.47
N ALA A 135 11.14 7.19 5.88
CA ALA A 135 10.43 8.45 5.75
C ALA A 135 10.76 9.38 6.91
N GLY A 136 10.72 8.87 8.14
CA GLY A 136 11.04 9.68 9.30
C GLY A 136 12.50 10.13 9.29
N ASP A 137 13.39 9.22 8.91
CA ASP A 137 14.81 9.54 8.83
C ASP A 137 15.07 10.65 7.81
N PHE A 138 14.31 10.64 6.71
CA PHE A 138 14.48 11.68 5.71
C PHE A 138 14.04 13.03 6.25
N ILE A 139 12.93 13.05 6.97
CA ILE A 139 12.46 14.28 7.60
C ILE A 139 13.53 14.85 8.51
N ALA A 140 14.16 13.97 9.31
CA ALA A 140 15.20 14.43 10.22
C ALA A 140 16.43 14.93 9.45
N GLN A 141 16.73 14.29 8.33
CA GLN A 141 17.88 14.72 7.53
C GLN A 141 17.65 16.14 7.02
N LYS A 142 16.42 16.44 6.62
CA LYS A 142 16.09 17.75 6.07
C LYS A 142 16.00 18.83 7.13
N LEU A 143 15.30 18.55 8.23
CA LEU A 143 14.92 19.59 9.19
C LEU A 143 15.65 19.50 10.52
N GLY A 144 16.34 18.39 10.74
CA GLY A 144 17.01 18.20 12.01
C GLY A 144 16.13 17.49 13.02
N ASP A 145 16.74 17.06 14.13
CA ASP A 145 15.98 16.45 15.21
C ASP A 145 15.05 17.46 15.86
N GLY A 146 14.00 16.97 16.52
CA GLY A 146 13.07 17.83 17.23
C GLY A 146 12.02 18.50 16.37
N ALA A 147 11.98 18.15 15.08
CA ALA A 147 11.00 18.72 14.16
C ALA A 147 9.59 18.44 14.62
N LYS A 148 8.70 19.40 14.37
CA LYS A 148 7.28 19.23 14.60
C LYS A 148 6.65 18.54 13.40
N VAL A 149 6.06 17.37 13.63
CA VAL A 149 5.58 16.55 12.51
C VAL A 149 4.12 16.15 12.67
N ILE A 150 3.51 15.81 11.56
CA ILE A 150 2.18 15.23 11.52
C ILE A 150 2.25 14.00 10.66
N GLN A 151 1.59 12.92 11.08
CA GLN A 151 1.50 11.75 10.22
C GLN A 151 0.09 11.58 9.68
N LEU A 152 -0.03 11.48 8.36
CA LEU A 152 -1.30 11.11 7.74
C LEU A 152 -1.28 9.62 7.51
N GLU A 153 -2.08 8.90 8.30
CA GLU A 153 -2.11 7.45 8.29
C GLU A 153 -3.01 6.92 7.19
N GLY A 154 -2.74 5.69 6.74
CA GLY A 154 -3.64 5.01 5.81
C GLY A 154 -4.73 4.28 6.57
N LEU A 155 -5.35 3.31 5.90
CA LEU A 155 -6.41 2.51 6.51
C LEU A 155 -5.89 1.73 7.72
N ALA A 156 -6.39 2.06 8.90
CA ALA A 156 -5.86 1.50 10.14
C ALA A 156 -5.89 -0.02 10.14
N GLY A 157 -6.88 -0.60 9.47
CA GLY A 157 -7.03 -2.05 9.43
C GLY A 157 -6.08 -2.78 8.51
N THR A 158 -5.23 -2.05 7.79
CA THR A 158 -4.28 -2.69 6.88
C THR A 158 -2.88 -2.83 7.46
N SER A 159 -2.21 -3.94 7.14
CA SER A 159 -0.86 -4.14 7.64
C SER A 159 0.09 -3.07 7.13
N ALA A 160 -0.16 -2.58 5.92
CA ALA A 160 0.67 -1.56 5.30
C ALA A 160 0.69 -0.27 6.12
N ALA A 161 -0.49 0.19 6.51
CA ALA A 161 -0.56 1.38 7.34
C ALA A 161 0.04 1.14 8.74
N ARG A 162 -0.33 0.02 9.35
CA ARG A 162 0.15 -0.29 10.69
C ARG A 162 1.67 -0.32 10.73
N GLU A 163 2.26 -0.98 9.74
CA GLU A 163 3.72 -1.13 9.71
C GLU A 163 4.42 0.20 9.45
N ARG A 164 3.84 1.03 8.58
CA ARG A 164 4.45 2.33 8.32
C ARG A 164 4.43 3.19 9.56
N GLY A 165 3.34 3.10 10.32
CA GLY A 165 3.25 3.79 11.60
C GLY A 165 4.29 3.31 12.58
N GLU A 166 4.51 2.01 12.61
CA GLU A 166 5.50 1.42 13.52
C GLU A 166 6.88 1.94 13.17
N GLY A 167 7.19 1.99 11.87
CA GLY A 167 8.50 2.47 11.45
C GLY A 167 8.67 3.94 11.72
N PHE A 168 7.62 4.70 11.49
CA PHE A 168 7.68 6.14 11.74
C PHE A 168 7.86 6.39 13.22
N LYS A 169 7.21 5.58 14.06
CA LYS A 169 7.39 5.71 15.51
C LYS A 169 8.87 5.52 15.89
N GLN A 170 9.56 4.60 15.21
CA GLN A 170 10.98 4.40 15.45
C GLN A 170 11.75 5.67 15.15
N ALA A 171 11.40 6.33 14.05
CA ALA A 171 12.03 7.60 13.69
C ALA A 171 11.69 8.72 14.67
N ILE A 172 10.42 8.77 15.10
CA ILE A 172 10.01 9.75 16.10
C ILE A 172 10.86 9.65 17.37
N GLU A 173 11.07 8.44 17.86
CA GLU A 173 11.86 8.24 19.08
C GLU A 173 13.34 8.54 18.85
N ALA A 174 13.87 8.06 17.74
CA ALA A 174 15.29 8.27 17.44
C ALA A 174 15.64 9.74 17.22
N HIS A 175 14.72 10.48 16.63
CA HIS A 175 15.00 11.87 16.24
C HIS A 175 14.26 12.91 17.09
N LYS A 176 13.64 12.44 18.16
CA LYS A 176 12.94 13.30 19.13
C LYS A 176 11.92 14.23 18.47
N PHE A 177 11.20 13.71 17.49
CA PHE A 177 10.17 14.52 16.83
C PHE A 177 9.08 14.91 17.83
N ASP A 178 8.50 16.09 17.60
CA ASP A 178 7.31 16.54 18.33
C ASP A 178 6.09 16.24 17.46
N VAL A 179 5.37 15.16 17.79
CA VAL A 179 4.25 14.72 16.95
C VAL A 179 2.99 15.52 17.30
N LEU A 180 2.57 16.38 16.37
CA LEU A 180 1.44 17.27 16.63
C LEU A 180 0.13 16.55 16.41
N ALA A 181 0.16 15.61 15.49
CA ALA A 181 -1.04 14.83 15.17
C ALA A 181 -0.65 13.59 14.38
N SER A 182 -1.46 12.54 14.53
CA SER A 182 -1.31 11.33 13.76
C SER A 182 -2.72 10.79 13.55
N GLN A 183 -3.19 10.84 12.31
CA GLN A 183 -4.61 10.75 12.00
C GLN A 183 -4.81 10.07 10.65
N PRO A 184 -5.84 9.21 10.52
CA PRO A 184 -6.01 8.55 9.22
C PRO A 184 -6.67 9.42 8.14
N ALA A 185 -6.25 9.20 6.90
CA ALA A 185 -6.96 9.73 5.74
C ALA A 185 -7.13 8.62 4.72
N ASP A 186 -6.97 7.37 5.18
CA ASP A 186 -7.49 6.19 4.51
C ASP A 186 -6.95 5.99 3.10
N PHE A 187 -5.71 6.43 2.87
CA PHE A 187 -5.01 6.28 1.59
C PHE A 187 -5.67 7.03 0.44
N ASP A 188 -6.52 8.01 0.79
CA ASP A 188 -7.36 8.73 -0.18
C ASP A 188 -6.86 10.16 -0.37
N ARG A 189 -6.80 10.62 -1.63
CA ARG A 189 -6.28 11.95 -1.92
C ARG A 189 -7.18 13.06 -1.36
N THR A 190 -8.48 12.93 -1.55
CA THR A 190 -9.42 13.95 -1.07
C THR A 190 -9.47 13.98 0.45
N LYS A 191 -9.50 12.82 1.10
CA LYS A 191 -9.42 12.80 2.56
C LYS A 191 -8.10 13.40 3.05
N GLY A 192 -7.02 13.12 2.32
CA GLY A 192 -5.73 13.67 2.68
C GLY A 192 -5.78 15.20 2.69
N LEU A 193 -6.43 15.76 1.67
CA LEU A 193 -6.58 17.20 1.58
C LEU A 193 -7.40 17.70 2.76
N ASN A 194 -8.57 17.10 2.98
CA ASN A 194 -9.48 17.57 4.01
C ASN A 194 -8.90 17.47 5.42
N VAL A 195 -8.24 16.36 5.73
CA VAL A 195 -7.63 16.20 7.05
C VAL A 195 -6.51 17.22 7.23
N THR A 196 -5.67 17.38 6.20
CA THR A 196 -4.57 18.34 6.28
C THR A 196 -5.08 19.77 6.43
N GLU A 197 -6.13 20.10 5.68
N GLU A 197 -6.12 20.14 5.69
CA GLU A 197 -6.79 21.40 5.75
CA GLU A 197 -6.70 21.47 5.81
C GLU A 197 -7.14 21.73 7.20
C GLU A 197 -7.10 21.75 7.26
N ASN A 198 -7.76 20.78 7.87
CA ASN A 198 -8.17 20.93 9.26
C ASN A 198 -6.99 21.05 10.22
N LEU A 199 -5.96 20.23 9.99
CA LEU A 199 -4.80 20.20 10.88
C LEU A 199 -3.93 21.43 10.72
N LEU A 200 -3.88 22.00 9.52
CA LEU A 200 -3.12 23.23 9.32
C LEU A 200 -3.73 24.35 10.17
N ALA A 201 -5.04 24.26 10.41
CA ALA A 201 -5.74 25.25 11.21
C ALA A 201 -5.49 25.08 12.70
N SER A 202 -5.40 23.84 13.15
CA SER A 202 -5.27 23.56 14.58
C SER A 202 -3.82 23.33 15.02
N LYS A 203 -3.01 22.81 14.10
CA LYS A 203 -1.60 22.52 14.38
C LYS A 203 -0.69 23.31 13.44
N GLY A 204 -0.91 24.62 13.38
CA GLY A 204 -0.25 25.47 12.40
C GLY A 204 1.27 25.51 12.43
N SER A 205 1.86 25.09 13.55
CA SER A 205 3.32 25.14 13.64
C SER A 205 3.98 23.90 13.01
N VAL A 206 3.19 22.97 12.49
CA VAL A 206 3.75 21.77 11.85
C VAL A 206 4.82 22.12 10.82
N GLN A 207 5.93 21.38 10.79
N GLN A 207 5.93 21.39 10.85
CA GLN A 207 6.97 21.67 9.82
CA GLN A 207 7.04 21.60 9.92
C GLN A 207 7.26 20.52 8.87
C GLN A 207 7.08 20.58 8.79
N ALA A 208 6.62 19.38 9.08
CA ALA A 208 6.71 18.29 8.12
C ALA A 208 5.57 17.32 8.31
N ILE A 209 5.13 16.74 7.19
CA ILE A 209 4.11 15.69 7.20
C ILE A 209 4.66 14.44 6.55
N PHE A 210 4.52 13.31 7.24
CA PHE A 210 4.72 12.01 6.59
C PHE A 210 3.35 11.49 6.18
N ALA A 211 3.15 11.37 4.87
CA ALA A 211 1.89 10.82 4.39
C ALA A 211 2.13 9.39 3.95
N GLN A 212 1.32 8.46 4.45
CA GLN A 212 1.63 7.04 4.25
C GLN A 212 1.30 6.53 2.84
N ASN A 213 0.76 7.39 1.97
CA ASN A 213 0.86 7.09 0.53
C ASN A 213 0.86 8.39 -0.30
N ASP A 214 1.19 8.27 -1.58
CA ASP A 214 1.32 9.45 -2.41
C ASP A 214 -0.02 10.15 -2.64
N GLU A 215 -1.12 9.39 -2.71
CA GLU A 215 -2.42 10.03 -2.88
C GLU A 215 -2.65 11.02 -1.74
N MSE A 216 -2.42 10.58 -0.50
CA MSE A 216 -2.60 11.48 0.64
C MSE A 216 -1.57 12.60 0.61
O MSE A 216 -1.87 13.73 1.00
CB MSE A 216 -2.51 10.71 1.95
CG MSE A 216 -3.68 9.76 2.16
SE MSE A 216 -3.71 9.00 3.96
CE MSE A 216 -2.04 7.99 3.86
N ALA A 217 -0.35 12.27 0.17
CA ALA A 217 0.70 13.29 0.08
C ALA A 217 0.26 14.43 -0.85
N LEU A 218 -0.34 14.07 -1.97
CA LEU A 218 -0.73 15.05 -2.96
C LEU A 218 -1.91 15.88 -2.47
N GLY A 219 -2.82 15.27 -1.72
CA GLY A 219 -3.91 16.03 -1.12
C GLY A 219 -3.36 17.01 -0.10
N ALA A 220 -2.39 16.55 0.69
CA ALA A 220 -1.79 17.41 1.71
C ALA A 220 -1.11 18.61 1.08
N LEU A 221 -0.39 18.38 -0.01
CA LEU A 221 0.30 19.48 -0.69
C LEU A 221 -0.69 20.53 -1.18
N ARG A 222 -1.86 20.10 -1.64
CA ARG A 222 -2.86 21.04 -2.08
C ARG A 222 -3.35 21.90 -0.92
N ALA A 223 -3.56 21.27 0.23
CA ALA A 223 -4.02 21.99 1.41
C ALA A 223 -2.95 22.97 1.86
N ILE A 224 -1.70 22.53 1.84
CA ILE A 224 -0.58 23.39 2.24
C ILE A 224 -0.46 24.63 1.35
N SER A 225 -0.53 24.42 0.03
CA SER A 225 -0.46 25.54 -0.91
C SER A 225 -1.65 26.48 -0.75
N ALA A 226 -2.84 25.90 -0.55
CA ALA A 226 -4.06 26.69 -0.43
C ALA A 226 -4.00 27.57 0.82
N ALA A 227 -3.22 27.13 1.80
CA ALA A 227 -3.08 27.86 3.05
C ALA A 227 -1.91 28.83 3.02
N GLY A 228 -1.09 28.74 1.97
CA GLY A 228 0.06 29.63 1.83
C GLY A 228 1.14 29.30 2.84
N LYS A 229 1.15 28.05 3.28
CA LYS A 229 2.07 27.63 4.33
C LYS A 229 3.30 26.90 3.79
N LYS A 230 4.30 26.77 4.65
CA LYS A 230 5.54 26.09 4.32
C LYS A 230 5.64 24.83 5.16
N VAL A 231 5.43 23.70 4.51
CA VAL A 231 5.44 22.40 5.17
C VAL A 231 6.08 21.36 4.25
N LEU A 232 7.09 20.67 4.77
CA LEU A 232 7.77 19.61 4.03
C LEU A 232 6.92 18.35 4.05
N VAL A 233 6.77 17.70 2.90
CA VAL A 233 5.97 16.49 2.83
C VAL A 233 6.75 15.33 2.26
N VAL A 234 6.64 14.18 2.91
CA VAL A 234 7.23 12.94 2.39
C VAL A 234 6.10 11.96 2.15
N GLY A 235 6.07 11.36 0.96
CA GLY A 235 5.04 10.39 0.60
C GLY A 235 5.53 8.95 0.60
N PHE A 236 4.74 8.08 -0.03
CA PHE A 236 5.03 6.66 -0.06
C PHE A 236 4.35 6.08 -1.29
N ASP A 237 5.11 5.30 -2.07
CA ASP A 237 4.67 4.55 -3.27
C ASP A 237 5.54 4.83 -4.48
N GLY A 238 5.90 6.08 -4.69
CA GLY A 238 6.49 6.50 -5.95
C GLY A 238 5.61 6.26 -7.16
N THR A 239 4.35 6.66 -7.06
CA THR A 239 3.48 6.64 -8.23
C THR A 239 3.97 7.66 -9.24
N GLU A 240 3.46 7.58 -10.47
CA GLU A 240 3.77 8.58 -11.48
C GLU A 240 3.52 9.99 -10.96
N ASP A 241 2.36 10.21 -10.36
CA ASP A 241 2.02 11.52 -9.82
C ASP A 241 2.94 11.90 -8.66
N GLY A 242 3.24 10.92 -7.81
CA GLY A 242 4.12 11.16 -6.68
C GLY A 242 5.49 11.60 -7.14
N VAL A 243 6.05 10.86 -8.09
CA VAL A 243 7.40 11.19 -8.56
C VAL A 243 7.41 12.51 -9.32
N LYS A 244 6.32 12.80 -10.03
CA LYS A 244 6.20 14.07 -10.73
C LYS A 244 6.28 15.23 -9.72
N ALA A 245 5.59 15.07 -8.60
CA ALA A 245 5.59 16.08 -7.56
C ALA A 245 6.97 16.21 -6.89
N VAL A 246 7.71 15.10 -6.83
CA VAL A 246 9.05 15.16 -6.27
C VAL A 246 10.02 15.86 -7.23
N LYS A 247 9.93 15.54 -8.51
CA LYS A 247 10.80 16.15 -9.51
C LYS A 247 10.55 17.66 -9.62
N SER A 248 9.31 18.08 -9.42
CA SER A 248 8.95 19.48 -9.50
C SER A 248 9.36 20.25 -8.26
N GLY A 249 9.75 19.53 -7.21
CA GLY A 249 10.17 20.15 -5.97
C GLY A 249 9.05 20.41 -4.99
N LYS A 250 7.82 20.04 -5.35
CA LYS A 250 6.67 20.24 -4.47
C LYS A 250 6.65 19.22 -3.33
N LEU A 251 6.97 17.98 -3.66
CA LEU A 251 7.02 16.88 -2.70
C LEU A 251 8.47 16.59 -2.36
N ALA A 252 8.86 16.73 -1.09
CA ALA A 252 10.29 16.60 -0.75
C ALA A 252 10.86 15.22 -1.10
N ALA A 253 10.06 14.17 -0.95
CA ALA A 253 10.52 12.82 -1.23
C ALA A 253 9.35 11.88 -1.22
N THR A 254 9.54 10.70 -1.81
CA THR A 254 8.58 9.63 -1.62
C THR A 254 9.34 8.33 -1.46
N VAL A 255 8.85 7.46 -0.58
CA VAL A 255 9.44 6.13 -0.43
C VAL A 255 8.84 5.25 -1.51
N ALA A 256 9.60 5.05 -2.59
CA ALA A 256 9.11 4.33 -3.76
C ALA A 256 9.02 2.83 -3.55
N GLN A 257 7.87 2.29 -3.94
CA GLN A 257 7.61 0.85 -3.98
C GLN A 257 7.67 0.36 -5.41
N GLN A 258 7.56 -0.95 -5.57
CA GLN A 258 7.51 -1.56 -6.90
C GLN A 258 6.25 -2.39 -7.05
N PRO A 259 5.10 -1.72 -7.22
CA PRO A 259 3.83 -2.45 -7.31
C PRO A 259 3.81 -3.46 -8.47
N GLU A 260 4.40 -3.11 -9.61
CA GLU A 260 4.38 -4.05 -10.73
C GLU A 260 5.10 -5.33 -10.33
N LEU A 261 6.18 -5.19 -9.57
CA LEU A 261 6.94 -6.35 -9.14
C LEU A 261 6.18 -7.18 -8.11
N ILE A 262 5.43 -6.52 -7.23
CA ILE A 262 4.59 -7.26 -6.30
C ILE A 262 3.60 -8.13 -7.07
N GLY A 263 2.98 -7.55 -8.10
CA GLY A 263 2.01 -8.28 -8.91
C GLY A 263 2.67 -9.41 -9.67
N SER A 264 3.81 -9.13 -10.30
N SER A 264 3.79 -9.11 -10.31
CA SER A 264 4.49 -10.15 -11.09
CA SER A 264 4.54 -10.10 -11.07
C SER A 264 5.00 -11.28 -10.19
C SER A 264 4.98 -11.26 -10.19
N LEU A 265 5.51 -10.95 -9.01
CA LEU A 265 5.95 -11.97 -8.08
C LEU A 265 4.76 -12.83 -7.61
N GLY A 266 3.59 -12.22 -7.49
CA GLY A 266 2.39 -12.97 -7.11
C GLY A 266 2.09 -14.06 -8.13
N VAL A 267 2.16 -13.70 -9.40
CA VAL A 267 1.88 -14.68 -10.44
C VAL A 267 2.99 -15.74 -10.53
N GLU A 268 4.24 -15.30 -10.44
CA GLU A 268 5.38 -16.22 -10.43
C GLU A 268 5.22 -17.24 -9.28
N THR A 269 4.81 -16.76 -8.12
CA THR A 269 4.66 -17.64 -6.95
C THR A 269 3.48 -18.59 -7.14
N ALA A 270 2.39 -18.08 -7.69
CA ALA A 270 1.23 -18.92 -8.01
C ALA A 270 1.61 -20.08 -8.94
N ASP A 271 2.38 -19.74 -9.98
CA ASP A 271 2.84 -20.72 -10.95
C ASP A 271 3.69 -21.81 -10.27
N LYS A 272 4.58 -21.42 -9.37
CA LYS A 272 5.42 -22.38 -8.66
C LYS A 272 4.55 -23.30 -7.80
N ILE A 273 3.55 -22.73 -7.14
CA ILE A 273 2.65 -23.52 -6.31
C ILE A 273 1.97 -24.60 -7.14
N LEU A 274 1.43 -24.20 -8.29
CA LEU A 274 0.73 -25.12 -9.18
C LEU A 274 1.65 -26.16 -9.77
N LYS A 275 2.93 -25.83 -9.89
CA LYS A 275 3.93 -26.78 -10.39
C LYS A 275 4.41 -27.72 -9.28
N GLY A 276 3.92 -27.49 -8.06
CA GLY A 276 4.26 -28.32 -6.93
C GLY A 276 5.59 -27.98 -6.28
N GLU A 277 6.09 -26.77 -6.56
CA GLU A 277 7.36 -26.32 -6.02
C GLU A 277 7.14 -25.51 -4.75
N LYS A 278 8.01 -25.67 -3.76
CA LYS A 278 7.87 -24.94 -2.51
C LYS A 278 8.20 -23.46 -2.73
N VAL A 279 7.46 -22.58 -2.07
CA VAL A 279 7.70 -21.15 -2.18
C VAL A 279 7.96 -20.57 -0.79
N ASP A 280 8.64 -19.42 -0.75
CA ASP A 280 8.88 -18.74 0.51
C ASP A 280 7.57 -18.21 1.09
N ALA A 281 7.47 -18.27 2.42
CA ALA A 281 6.27 -17.78 3.12
C ALA A 281 6.20 -16.27 3.08
N LYS A 282 7.37 -15.64 3.08
CA LYS A 282 7.44 -14.19 3.03
C LYS A 282 8.40 -13.77 1.92
N ILE A 283 7.92 -12.89 1.05
CA ILE A 283 8.74 -12.37 -0.06
C ILE A 283 8.75 -10.85 0.00
N PRO A 284 9.84 -10.27 0.53
CA PRO A 284 9.95 -8.81 0.63
C PRO A 284 10.34 -8.20 -0.72
N VAL A 285 9.86 -6.99 -0.96
CA VAL A 285 10.13 -6.28 -2.21
C VAL A 285 10.78 -4.95 -1.85
N ALA A 286 11.90 -4.63 -2.51
CA ALA A 286 12.76 -3.53 -2.07
C ALA A 286 12.10 -2.15 -2.19
N LEU A 287 12.49 -1.25 -1.28
CA LEU A 287 12.10 0.16 -1.27
C LEU A 287 13.25 1.06 -1.62
N LYS A 288 12.94 2.29 -2.01
CA LYS A 288 13.96 3.29 -2.29
C LYS A 288 13.42 4.68 -2.06
N VAL A 289 14.18 5.54 -1.39
CA VAL A 289 13.76 6.93 -1.23
C VAL A 289 14.10 7.73 -2.49
N VAL A 290 13.06 8.29 -3.09
CA VAL A 290 13.23 9.12 -4.29
C VAL A 290 13.12 10.59 -3.92
N THR A 291 14.13 11.36 -4.33
CA THR A 291 14.21 12.79 -4.03
C THR A 291 14.41 13.61 -5.31
N GLU A 292 14.43 14.93 -5.18
CA GLU A 292 14.55 15.83 -6.33
C GLU A 292 15.74 15.47 -7.21
C1 RIP B . -1.15 0.31 0.50
C2 RIP B . -0.18 0.24 -0.68
C3 RIP B . 0.00 1.63 -1.26
C4 RIP B . -1.38 2.20 -1.59
C5 RIP B . -2.28 2.16 -0.38
O1 RIP B . -1.38 -1.01 0.96
O2 RIP B . 1.07 -0.29 -0.27
O3 RIP B . 0.64 2.46 -0.30
O4 RIP B . -1.25 3.54 -2.05
O5 RIP B . -2.41 0.83 0.07
C1 EDO C . 7.16 -7.97 3.77
O1 EDO C . 5.90 -7.65 4.39
C2 EDO C . 7.22 -9.47 3.46
O2 EDO C . 7.22 -10.22 4.68
H11 EDO C . 7.26 -7.40 2.85
H12 EDO C . 7.98 -7.70 4.43
HO1 EDO C . 5.87 -6.71 4.59
H21 EDO C . 6.37 -9.75 2.85
H22 EDO C . 8.13 -9.68 2.90
HO2 EDO C . 7.26 -11.17 4.48
#